data_3PXR
#
_entry.id   3PXR
#
_cell.length_a   53.530
_cell.length_b   72.100
_cell.length_c   71.860
_cell.angle_alpha   90.00
_cell.angle_beta   90.00
_cell.angle_gamma   90.00
#
_symmetry.space_group_name_H-M   'P 21 21 21'
#
loop_
_entity.id
_entity.type
_entity.pdbx_description
1 polymer 'Cell division protein kinase 2'
2 non-polymer 1,2-ETHANEDIOL
3 water water
#
_entity_poly.entity_id   1
_entity_poly.type   'polypeptide(L)'
_entity_poly.pdbx_seq_one_letter_code
;GPLGSPEFMENFQKVEKIGEGTYGVVYKARNKLTGEVVALKKIRLDTETEGVPSTAIREISLLKELNHPNIVKLLDVIHT
ENKLYLVFEFLHQDLKKFMDASALTGIPLPLIKSYLFQLLQGLAFCHSHRVLHRDLKPQNLLINTEGAIKLADFGLARAF
GVPVRTYTHEVVTLWYRAPEILLGCKYYSTAVDIWSLGCIFAEMVTRRALFPGDSEIDQLFRIFRTLGTPDEVVWPGVTS
MPDYKPSFPKWARQDFSKVVPPLDEDGRSLLSQMLHYDPNKRISAKAALAHPFFQDVTKPVPHLRL
;
_entity_poly.pdbx_strand_id   A
#
loop_
_chem_comp.id
_chem_comp.type
_chem_comp.name
_chem_comp.formula
EDO non-polymer 1,2-ETHANEDIOL 'C2 H6 O2'
#
# COMPACT_ATOMS: atom_id res chain seq x y z
N MET A 9 5.06 26.24 13.42
CA MET A 9 3.61 26.02 13.14
C MET A 9 2.87 27.34 12.94
N GLU A 10 3.40 28.42 13.49
CA GLU A 10 2.76 29.72 13.35
C GLU A 10 2.64 30.10 11.87
N ASN A 11 3.18 29.25 10.99
CA ASN A 11 3.10 29.46 9.54
C ASN A 11 1.76 28.96 9.00
N PHE A 12 1.07 28.18 9.82
CA PHE A 12 -0.24 27.63 9.46
C PHE A 12 -1.36 28.24 10.30
N GLN A 13 -2.58 28.18 9.78
CA GLN A 13 -3.76 28.72 10.45
C GLN A 13 -4.53 27.57 11.09
N LYS A 14 -4.57 27.58 12.42
CA LYS A 14 -5.24 26.55 13.21
C LYS A 14 -5.26 25.20 12.50
N VAL A 15 -4.26 24.40 12.80
CA VAL A 15 -4.14 23.08 12.23
C VAL A 15 -5.00 22.14 13.07
N GLU A 16 -5.61 21.13 12.44
CA GLU A 16 -6.45 20.20 13.18
C GLU A 16 -6.15 18.73 12.86
N LYS A 17 -6.05 17.92 13.92
CA LYS A 17 -5.75 16.49 13.81
C LYS A 17 -6.77 15.78 12.94
N ILE A 18 -6.30 14.81 12.17
CA ILE A 18 -7.18 14.03 11.30
C ILE A 18 -6.78 12.57 11.23
N GLY A 19 -5.93 12.13 12.16
CA GLY A 19 -5.51 10.75 12.18
C GLY A 19 -4.13 10.46 12.75
N GLU A 20 -3.82 9.17 12.90
CA GLU A 20 -2.53 8.73 13.41
C GLU A 20 -1.85 7.81 12.40
N GLY A 21 -0.69 8.23 11.92
CA GLY A 21 0.03 7.43 10.94
C GLY A 21 1.07 6.53 11.59
N THR A 22 1.79 5.78 10.76
CA THR A 22 2.83 4.87 11.25
C THR A 22 3.88 5.63 12.05
N TYR A 23 4.31 6.76 11.49
CA TYR A 23 5.35 7.57 12.11
C TYR A 23 4.86 8.62 13.11
N GLY A 24 3.64 9.10 12.92
CA GLY A 24 3.12 10.09 13.84
C GLY A 24 1.73 10.59 13.50
N VAL A 25 1.30 11.65 14.17
CA VAL A 25 -0.01 12.22 13.95
C VAL A 25 -0.05 13.01 12.64
N VAL A 26 -1.19 12.92 11.94
CA VAL A 26 -1.41 13.62 10.68
C VAL A 26 -2.45 14.72 10.89
N TYR A 27 -2.10 15.93 10.45
CA TYR A 27 -2.97 17.08 10.58
C TYR A 27 -3.35 17.67 9.21
N LYS A 28 -4.46 18.40 9.20
CA LYS A 28 -4.90 19.10 8.00
C LYS A 28 -4.58 20.53 8.40
N ALA A 29 -3.96 21.28 7.51
CA ALA A 29 -3.58 22.64 7.87
C ALA A 29 -3.62 23.58 6.69
N ARG A 30 -3.79 24.87 7.00
CA ARG A 30 -3.81 25.88 5.96
C ARG A 30 -2.61 26.79 6.17
N ASN A 31 -1.83 26.98 5.11
CA ASN A 31 -0.68 27.85 5.17
C ASN A 31 -1.18 29.28 5.30
N LYS A 32 -0.75 29.99 6.33
CA LYS A 32 -1.19 31.36 6.54
C LYS A 32 -0.92 32.28 5.35
N LEU A 33 0.24 32.07 4.72
CA LEU A 33 0.68 32.90 3.60
C LEU A 33 0.11 32.53 2.23
N THR A 34 0.25 31.26 1.85
CA THR A 34 -0.24 30.79 0.56
C THR A 34 -1.74 30.52 0.57
N GLY A 35 -2.30 30.21 1.74
CA GLY A 35 -3.73 29.93 1.82
C GLY A 35 -4.03 28.47 1.49
N GLU A 36 -2.98 27.78 1.06
CA GLU A 36 -3.05 26.38 0.68
C GLU A 36 -3.42 25.45 1.84
N VAL A 37 -4.27 24.47 1.56
CA VAL A 37 -4.69 23.49 2.57
C VAL A 37 -3.84 22.26 2.27
N VAL A 38 -3.14 21.77 3.29
CA VAL A 38 -2.23 20.65 3.13
C VAL A 38 -2.35 19.61 4.25
N ALA A 39 -1.66 18.48 4.07
CA ALA A 39 -1.65 17.44 5.08
C ALA A 39 -0.30 17.62 5.75
N LEU A 40 -0.27 17.55 7.07
CA LEU A 40 0.97 17.74 7.80
C LEU A 40 1.25 16.52 8.66
N LYS A 41 2.37 15.85 8.39
CA LYS A 41 2.72 14.66 9.16
C LYS A 41 3.97 14.90 10.00
N LYS A 42 3.82 14.77 11.30
CA LYS A 42 4.95 14.94 12.20
C LYS A 42 5.54 13.55 12.37
N ILE A 43 6.83 13.42 12.03
CA ILE A 43 7.51 12.14 12.15
C ILE A 43 8.13 12.00 13.55
N ARG A 44 7.75 10.94 14.25
CA ARG A 44 8.23 10.66 15.59
C ARG A 44 9.64 10.08 15.58
N THR A 49 12.99 12.61 19.31
CA THR A 49 13.90 11.86 18.45
C THR A 49 15.35 12.08 18.90
N GLU A 50 16.23 11.14 18.56
CA GLU A 50 17.64 11.21 18.92
C GLU A 50 18.37 12.26 18.09
N GLY A 51 17.64 13.28 17.64
CA GLY A 51 18.24 14.32 16.83
C GLY A 51 17.94 14.12 15.36
N VAL A 52 17.17 13.08 15.05
CA VAL A 52 16.78 12.74 13.68
C VAL A 52 17.99 12.44 12.77
N PRO A 53 18.03 11.22 12.20
CA PRO A 53 19.10 10.76 11.30
C PRO A 53 19.27 11.58 10.02
N SER A 54 20.49 12.07 9.81
CA SER A 54 20.83 12.84 8.62
C SER A 54 20.63 11.99 7.37
N THR A 55 20.91 10.70 7.52
CA THR A 55 20.75 9.74 6.43
C THR A 55 19.31 9.73 5.95
N ALA A 56 18.37 9.81 6.89
CA ALA A 56 16.94 9.82 6.57
C ALA A 56 16.53 11.13 5.92
N ILE A 57 17.09 12.24 6.40
CA ILE A 57 16.78 13.55 5.85
C ILE A 57 17.03 13.62 4.35
N ARG A 58 18.23 13.25 3.93
CA ARG A 58 18.57 13.33 2.51
C ARG A 58 17.72 12.39 1.66
N GLU A 59 17.41 11.22 2.20
CA GLU A 59 16.60 10.27 1.45
C GLU A 59 15.17 10.77 1.29
N ILE A 60 14.57 11.25 2.38
CA ILE A 60 13.21 11.75 2.31
C ILE A 60 13.19 12.96 1.35
N SER A 61 14.21 13.80 1.46
CA SER A 61 14.32 14.98 0.61
C SER A 61 14.27 14.66 -0.87
N LEU A 62 14.88 13.56 -1.27
CA LEU A 62 14.89 13.14 -2.67
C LEU A 62 13.48 12.86 -3.17
N LEU A 63 12.60 12.40 -2.28
CA LEU A 63 11.24 12.08 -2.68
C LEU A 63 10.47 13.33 -3.13
N LYS A 64 10.96 14.50 -2.76
CA LYS A 64 10.30 15.73 -3.18
C LYS A 64 10.28 15.80 -4.71
N GLU A 65 11.21 15.11 -5.38
CA GLU A 65 11.22 15.16 -6.83
C GLU A 65 10.33 14.14 -7.53
N LEU A 66 9.82 13.16 -6.78
CA LEU A 66 8.92 12.15 -7.35
C LEU A 66 7.52 12.68 -7.65
N ASN A 67 7.32 13.26 -8.83
CA ASN A 67 6.01 13.78 -9.21
C ASN A 67 5.30 12.87 -10.19
N HIS A 68 4.05 12.53 -9.87
CA HIS A 68 3.25 11.70 -10.75
C HIS A 68 1.81 11.89 -10.32
N PRO A 69 0.87 11.92 -11.28
CA PRO A 69 -0.56 12.10 -11.03
C PRO A 69 -1.10 11.13 -9.97
N ASN A 70 -0.51 9.94 -9.90
CA ASN A 70 -1.00 8.95 -8.94
C ASN A 70 -0.17 8.76 -7.68
N ILE A 71 0.67 9.75 -7.39
CA ILE A 71 1.51 9.74 -6.20
C ILE A 71 1.19 11.02 -5.43
N VAL A 72 0.84 10.87 -4.15
CA VAL A 72 0.53 12.05 -3.33
C VAL A 72 1.78 12.89 -3.24
N LYS A 73 1.69 14.12 -3.71
CA LYS A 73 2.84 15.01 -3.74
C LYS A 73 3.44 15.39 -2.39
N LEU A 74 4.74 15.19 -2.26
CA LEU A 74 5.48 15.59 -1.05
C LEU A 74 5.92 17.06 -1.30
N LEU A 75 5.22 18.01 -0.70
CA LEU A 75 5.52 19.42 -0.88
C LEU A 75 6.81 19.90 -0.21
N ASP A 76 6.93 19.64 1.08
CA ASP A 76 8.10 20.08 1.82
C ASP A 76 8.48 19.13 2.92
N VAL A 77 9.73 19.24 3.33
CA VAL A 77 10.28 18.45 4.42
C VAL A 77 10.87 19.48 5.37
N ILE A 78 10.29 19.58 6.57
CA ILE A 78 10.73 20.54 7.55
C ILE A 78 11.40 19.85 8.74
N HIS A 79 12.67 20.19 8.96
CA HIS A 79 13.44 19.62 10.06
C HIS A 79 13.72 20.74 11.08
N THR A 80 13.23 20.57 12.31
CA THR A 80 13.41 21.55 13.37
C THR A 80 13.32 20.94 14.76
N GLU A 81 14.20 21.38 15.67
CA GLU A 81 14.23 20.89 17.03
C GLU A 81 14.04 19.38 17.13
N ASN A 82 14.96 18.63 16.50
CA ASN A 82 14.88 17.17 16.52
C ASN A 82 13.55 16.70 15.93
N LYS A 83 12.82 17.63 15.30
CA LYS A 83 11.52 17.30 14.73
C LYS A 83 11.50 17.36 13.21
N LEU A 84 10.79 16.40 12.64
CA LEU A 84 10.66 16.29 11.21
C LEU A 84 9.18 16.32 10.86
N TYR A 85 8.82 17.24 9.98
CA TYR A 85 7.45 17.38 9.52
C TYR A 85 7.45 17.19 8.01
N LEU A 86 6.45 16.48 7.51
CA LEU A 86 6.35 16.26 6.09
C LEU A 86 5.08 16.96 5.65
N VAL A 87 5.19 17.80 4.63
CA VAL A 87 4.02 18.51 4.14
C VAL A 87 3.62 17.84 2.82
N PHE A 88 2.37 17.38 2.76
CA PHE A 88 1.85 16.67 1.59
C PHE A 88 0.61 17.33 1.01
N GLU A 89 0.32 17.05 -0.26
CA GLU A 89 -0.88 17.61 -0.87
C GLU A 89 -2.02 16.94 -0.10
N PHE A 90 -3.15 17.62 0.03
CA PHE A 90 -4.27 17.08 0.81
C PHE A 90 -5.36 16.52 -0.09
N LEU A 91 -5.91 15.38 0.31
CA LEU A 91 -7.02 14.75 -0.41
C LEU A 91 -8.00 14.40 0.70
N HIS A 92 -9.28 14.60 0.43
CA HIS A 92 -10.32 14.39 1.43
C HIS A 92 -10.67 12.97 1.91
N GLN A 93 -10.41 11.93 1.12
CA GLN A 93 -10.80 10.60 1.58
C GLN A 93 -9.82 9.49 1.21
N ASP A 94 -9.84 8.40 1.96
CA ASP A 94 -8.95 7.28 1.66
C ASP A 94 -9.78 6.08 1.23
N LEU A 95 -9.15 5.11 0.58
CA LEU A 95 -9.90 3.95 0.11
C LEU A 95 -10.53 3.11 1.22
N LYS A 96 -9.95 3.14 2.42
CA LYS A 96 -10.53 2.35 3.50
C LYS A 96 -11.91 2.91 3.84
N LYS A 97 -11.99 4.22 3.97
CA LYS A 97 -13.26 4.86 4.29
C LYS A 97 -14.23 4.65 3.14
N PHE A 98 -13.75 4.81 1.91
CA PHE A 98 -14.61 4.63 0.73
C PHE A 98 -15.15 3.21 0.63
N MET A 99 -14.32 2.22 0.94
CA MET A 99 -14.78 0.83 0.88
C MET A 99 -15.84 0.57 1.95
N ASP A 100 -15.60 1.11 3.14
CA ASP A 100 -16.57 0.94 4.23
C ASP A 100 -17.87 1.60 3.81
N ALA A 101 -17.76 2.76 3.18
CA ALA A 101 -18.92 3.51 2.69
C ALA A 101 -19.66 2.78 1.57
N SER A 102 -18.91 2.02 0.78
CA SER A 102 -19.49 1.31 -0.35
C SER A 102 -19.86 -0.11 0.03
N ALA A 103 -19.76 -0.42 1.31
CA ALA A 103 -20.03 -1.75 1.83
C ALA A 103 -21.33 -2.42 1.39
N LEU A 104 -22.41 -1.65 1.31
CA LEU A 104 -23.71 -2.20 0.94
C LEU A 104 -23.85 -2.71 -0.49
N THR A 105 -23.42 -1.91 -1.46
CA THR A 105 -23.52 -2.26 -2.87
C THR A 105 -22.21 -2.70 -3.50
N GLY A 106 -21.09 -2.41 -2.83
CA GLY A 106 -19.80 -2.75 -3.38
C GLY A 106 -19.37 -1.69 -4.40
N ILE A 107 -18.07 -1.52 -4.57
CA ILE A 107 -17.57 -0.55 -5.56
C ILE A 107 -17.83 -1.18 -6.94
N PRO A 108 -18.44 -0.42 -7.88
CA PRO A 108 -18.69 -1.00 -9.21
C PRO A 108 -17.38 -1.42 -9.88
N LEU A 109 -17.41 -2.51 -10.64
CA LEU A 109 -16.22 -3.03 -11.31
C LEU A 109 -15.46 -1.99 -12.12
N PRO A 110 -16.18 -1.13 -12.88
CA PRO A 110 -15.46 -0.13 -13.67
C PRO A 110 -14.62 0.79 -12.80
N LEU A 111 -15.11 1.09 -11.60
CA LEU A 111 -14.38 1.96 -10.70
C LEU A 111 -13.21 1.21 -10.03
N ILE A 112 -13.44 -0.06 -9.70
CA ILE A 112 -12.38 -0.91 -9.14
C ILE A 112 -11.25 -1.01 -10.18
N LYS A 113 -11.63 -1.26 -11.43
CA LYS A 113 -10.66 -1.41 -12.53
C LYS A 113 -9.91 -0.10 -12.77
N SER A 114 -10.61 1.04 -12.71
CA SER A 114 -9.94 2.34 -12.89
C SER A 114 -8.93 2.57 -11.76
N TYR A 115 -9.35 2.31 -10.52
CA TYR A 115 -8.47 2.50 -9.38
C TYR A 115 -7.24 1.60 -9.48
N LEU A 116 -7.45 0.33 -9.78
CA LEU A 116 -6.32 -0.59 -9.90
C LEU A 116 -5.34 -0.13 -10.99
N PHE A 117 -5.91 0.30 -12.13
CA PHE A 117 -5.12 0.77 -13.26
C PHE A 117 -4.28 1.98 -12.87
N GLN A 118 -4.87 2.95 -12.18
CA GLN A 118 -4.14 4.13 -11.72
C GLN A 118 -3.07 3.76 -10.69
N LEU A 119 -3.39 2.84 -9.77
CA LEU A 119 -2.43 2.45 -8.74
C LEU A 119 -1.21 1.77 -9.37
N LEU A 120 -1.46 0.94 -10.39
CA LEU A 120 -0.36 0.26 -11.08
C LEU A 120 0.54 1.28 -11.81
N GLN A 121 -0.06 2.34 -12.36
CA GLN A 121 0.74 3.38 -13.05
C GLN A 121 1.61 4.05 -12.00
N GLY A 122 1.02 4.37 -10.85
CA GLY A 122 1.79 4.99 -9.78
C GLY A 122 2.93 4.09 -9.34
N LEU A 123 2.64 2.78 -9.20
CA LEU A 123 3.67 1.82 -8.81
C LEU A 123 4.74 1.70 -9.91
N ALA A 124 4.33 1.67 -11.17
CA ALA A 124 5.30 1.56 -12.26
C ALA A 124 6.25 2.75 -12.23
N PHE A 125 5.70 3.93 -12.01
CA PHE A 125 6.53 5.14 -11.95
C PHE A 125 7.57 5.02 -10.81
N CYS A 126 7.09 4.77 -9.61
CA CYS A 126 7.98 4.67 -8.46
C CYS A 126 9.05 3.60 -8.63
N HIS A 127 8.64 2.42 -9.10
CA HIS A 127 9.57 1.31 -9.30
C HIS A 127 10.61 1.59 -10.39
N SER A 128 10.22 2.33 -11.43
CA SER A 128 11.15 2.66 -12.49
C SER A 128 12.19 3.65 -11.96
N HIS A 129 11.90 4.28 -10.82
CA HIS A 129 12.81 5.24 -10.18
C HIS A 129 13.48 4.63 -8.95
N ARG A 130 13.35 3.32 -8.84
CA ARG A 130 13.94 2.58 -7.74
C ARG A 130 13.43 3.01 -6.38
N VAL A 131 12.13 3.32 -6.31
CA VAL A 131 11.50 3.68 -5.05
C VAL A 131 10.41 2.64 -4.79
N LEU A 132 10.41 2.07 -3.58
CA LEU A 132 9.44 1.06 -3.18
C LEU A 132 8.55 1.60 -2.08
N HIS A 133 7.31 1.10 -1.98
CA HIS A 133 6.48 1.57 -0.87
C HIS A 133 6.76 0.70 0.37
N ARG A 134 6.55 -0.61 0.23
CA ARG A 134 6.77 -1.57 1.32
C ARG A 134 5.62 -1.70 2.34
N ASP A 135 4.79 -0.67 2.47
CA ASP A 135 3.68 -0.74 3.43
C ASP A 135 2.35 -0.25 2.83
N LEU A 136 2.00 -0.75 1.65
CA LEU A 136 0.75 -0.34 1.03
C LEU A 136 -0.46 -0.92 1.75
N LYS A 137 -1.50 -0.11 1.87
CA LYS A 137 -2.74 -0.50 2.52
C LYS A 137 -3.82 0.48 2.10
N PRO A 138 -5.10 0.09 2.22
CA PRO A 138 -6.18 1.00 1.84
C PRO A 138 -6.07 2.39 2.45
N GLN A 139 -5.58 2.46 3.68
CA GLN A 139 -5.46 3.73 4.37
C GLN A 139 -4.52 4.70 3.69
N ASN A 140 -3.50 4.23 2.96
CA ASN A 140 -2.65 5.20 2.29
C ASN A 140 -2.93 5.37 0.80
N LEU A 141 -4.14 5.00 0.39
CA LEU A 141 -4.60 5.19 -0.99
C LEU A 141 -5.66 6.30 -0.85
N LEU A 142 -5.34 7.51 -1.32
CA LEU A 142 -6.28 8.64 -1.23
C LEU A 142 -7.01 8.90 -2.54
N ILE A 143 -8.28 9.28 -2.44
CA ILE A 143 -9.08 9.54 -3.62
C ILE A 143 -9.68 10.95 -3.56
N ASN A 144 -10.11 11.45 -4.71
CA ASN A 144 -10.77 12.74 -4.78
C ASN A 144 -12.06 12.59 -5.60
N THR A 145 -12.78 13.70 -5.74
CA THR A 145 -14.04 13.76 -6.47
C THR A 145 -13.91 13.54 -7.97
N GLU A 146 -12.70 13.73 -8.49
CA GLU A 146 -12.44 13.60 -9.92
C GLU A 146 -12.24 12.16 -10.41
N GLY A 147 -12.26 11.19 -9.49
CA GLY A 147 -12.04 9.81 -9.90
C GLY A 147 -10.59 9.40 -9.84
N ALA A 148 -9.74 10.26 -9.29
CA ALA A 148 -8.33 9.97 -9.16
C ALA A 148 -8.06 9.20 -7.86
N ILE A 149 -6.99 8.42 -7.85
CA ILE A 149 -6.60 7.72 -6.62
C ILE A 149 -5.07 7.83 -6.60
N LYS A 150 -4.50 8.09 -5.43
CA LYS A 150 -3.07 8.31 -5.31
C LYS A 150 -2.42 7.57 -4.15
N LEU A 151 -1.19 7.15 -4.38
CA LEU A 151 -0.42 6.43 -3.37
C LEU A 151 0.28 7.41 -2.43
N ALA A 152 0.06 7.26 -1.12
CA ALA A 152 0.68 8.12 -0.10
C ALA A 152 1.76 7.35 0.66
N ASP A 153 2.79 8.07 1.11
CA ASP A 153 3.90 7.52 1.88
C ASP A 153 4.92 6.68 1.13
N PHE A 154 5.00 6.81 -0.18
CA PHE A 154 6.01 6.02 -0.89
C PHE A 154 7.40 6.39 -0.39
N GLY A 155 8.29 5.41 -0.37
CA GLY A 155 9.66 5.63 0.04
C GLY A 155 9.96 5.90 1.50
N LEU A 156 8.95 6.15 2.33
CA LEU A 156 9.21 6.41 3.74
C LEU A 156 9.79 5.21 4.47
N ALA A 157 9.36 4.01 4.07
CA ALA A 157 9.82 2.76 4.69
C ALA A 157 11.34 2.62 4.66
N ARG A 158 11.93 2.65 3.47
CA ARG A 158 13.38 2.53 3.36
C ARG A 158 14.08 3.76 3.91
N ALA A 159 13.43 4.93 3.76
CA ALA A 159 14.00 6.18 4.25
C ALA A 159 14.27 6.07 5.74
N PHE A 160 13.28 5.58 6.47
CA PHE A 160 13.40 5.39 7.91
C PHE A 160 13.70 3.90 8.16
N GLY A 161 12.73 3.20 8.74
CA GLY A 161 12.89 1.79 9.02
C GLY A 161 11.57 1.07 9.22
N VAL A 162 11.63 -0.25 9.33
CA VAL A 162 10.45 -1.09 9.52
C VAL A 162 9.71 -0.83 10.84
N PRO A 163 8.36 -0.81 10.81
CA PRO A 163 7.54 -0.56 12.00
C PRO A 163 7.78 -1.61 13.08
N VAL A 164 7.36 -1.32 14.31
CA VAL A 164 7.54 -2.25 15.42
C VAL A 164 6.53 -2.07 16.55
N ARG A 165 6.56 -0.91 17.19
CA ARG A 165 5.65 -0.61 18.30
C ARG A 165 5.72 0.89 18.59
N THR A 166 5.00 1.67 17.78
CA THR A 166 4.96 3.14 17.90
C THR A 166 4.77 3.64 19.33
N TYR A 167 4.96 4.94 19.53
CA TYR A 167 4.77 5.57 20.83
C TYR A 167 3.36 5.30 21.34
N THR A 168 2.44 5.16 20.39
CA THR A 168 1.03 4.91 20.68
C THR A 168 0.69 3.43 20.55
N HIS A 169 1.74 2.61 20.42
CA HIS A 169 1.59 1.17 20.29
C HIS A 169 0.53 0.78 19.28
N GLU A 170 0.30 1.68 18.33
CA GLU A 170 -0.67 1.47 17.25
C GLU A 170 -0.39 0.11 16.62
N VAL A 171 -1.41 -0.73 16.54
CA VAL A 171 -1.25 -2.06 15.97
C VAL A 171 -0.98 -2.04 14.45
N VAL A 172 0.26 -2.34 14.09
CA VAL A 172 0.68 -2.38 12.69
C VAL A 172 -0.08 -3.45 11.89
N THR A 173 -0.71 -3.06 10.79
CA THR A 173 -1.45 -4.01 9.98
C THR A 173 -0.53 -4.88 9.11
N LEU A 174 -0.72 -6.19 9.22
CA LEU A 174 0.08 -7.17 8.50
C LEU A 174 -0.62 -7.79 7.29
N TRP A 175 -1.90 -7.45 7.13
CA TRP A 175 -2.78 -8.00 6.10
C TRP A 175 -2.32 -7.98 4.66
N TYR A 176 -1.52 -6.97 4.34
CA TYR A 176 -1.03 -6.77 2.97
C TYR A 176 0.46 -7.12 2.78
N ARG A 177 1.08 -7.70 3.80
CA ARG A 177 2.50 -8.04 3.71
C ARG A 177 2.82 -9.29 2.83
N ALA A 178 3.76 -9.12 1.89
CA ALA A 178 4.19 -10.21 0.99
C ALA A 178 4.81 -11.36 1.81
N PRO A 179 4.69 -12.58 1.31
CA PRO A 179 5.24 -13.74 2.01
C PRO A 179 6.76 -13.74 2.21
N GLU A 180 7.52 -13.22 1.26
CA GLU A 180 8.97 -13.18 1.42
C GLU A 180 9.35 -12.29 2.61
N ILE A 181 8.52 -11.29 2.94
CA ILE A 181 8.79 -10.40 4.07
C ILE A 181 8.52 -11.19 5.34
N LEU A 182 7.38 -11.87 5.39
CA LEU A 182 7.03 -12.71 6.53
C LEU A 182 8.02 -13.86 6.76
N LEU A 183 8.63 -14.38 5.70
CA LEU A 183 9.58 -15.48 5.85
C LEU A 183 11.02 -15.01 6.13
N GLY A 184 11.16 -13.74 6.45
CA GLY A 184 12.47 -13.19 6.80
C GLY A 184 13.47 -12.75 5.74
N CYS A 185 13.06 -12.60 4.49
CA CYS A 185 13.99 -12.16 3.44
C CYS A 185 14.34 -10.72 3.81
N LYS A 186 15.63 -10.41 3.84
CA LYS A 186 16.02 -9.05 4.19
C LYS A 186 16.00 -8.11 3.00
N TYR A 187 16.21 -8.65 1.81
CA TYR A 187 16.24 -7.80 0.62
C TYR A 187 14.87 -7.71 -0.07
N TYR A 188 14.07 -6.70 0.28
CA TYR A 188 12.75 -6.55 -0.34
C TYR A 188 12.94 -6.04 -1.75
N SER A 189 11.97 -6.37 -2.61
CA SER A 189 11.98 -5.94 -3.99
C SER A 189 10.64 -5.30 -4.33
N THR A 190 10.56 -4.74 -5.54
CA THR A 190 9.36 -4.11 -6.03
C THR A 190 8.16 -5.06 -5.95
N ALA A 191 8.42 -6.36 -5.96
CA ALA A 191 7.38 -7.39 -5.88
C ALA A 191 6.51 -7.29 -4.64
N VAL A 192 7.06 -6.83 -3.51
CA VAL A 192 6.25 -6.73 -2.32
C VAL A 192 5.10 -5.75 -2.52
N ASP A 193 5.30 -4.72 -3.35
CA ASP A 193 4.20 -3.77 -3.55
C ASP A 193 3.10 -4.36 -4.43
N ILE A 194 3.50 -5.16 -5.41
CA ILE A 194 2.53 -5.83 -6.28
C ILE A 194 1.65 -6.76 -5.43
N TRP A 195 2.28 -7.50 -4.50
CA TRP A 195 1.55 -8.40 -3.61
C TRP A 195 0.49 -7.62 -2.83
N SER A 196 0.93 -6.54 -2.17
CA SER A 196 0.01 -5.71 -1.38
C SER A 196 -1.17 -5.22 -2.23
N LEU A 197 -0.89 -4.74 -3.44
CA LEU A 197 -1.94 -4.22 -4.30
C LEU A 197 -2.89 -5.35 -4.71
N GLY A 198 -2.34 -6.54 -4.94
CA GLY A 198 -3.20 -7.67 -5.25
C GLY A 198 -4.17 -7.90 -4.10
N CYS A 199 -3.67 -7.85 -2.86
CA CYS A 199 -4.54 -8.04 -1.70
C CYS A 199 -5.63 -6.97 -1.64
N ILE A 200 -5.27 -5.75 -2.02
CA ILE A 200 -6.22 -4.63 -2.00
C ILE A 200 -7.27 -4.79 -3.09
N PHE A 201 -6.83 -5.24 -4.25
CA PHE A 201 -7.70 -5.50 -5.40
C PHE A 201 -8.76 -6.53 -4.97
N ALA A 202 -8.32 -7.61 -4.34
CA ALA A 202 -9.23 -8.67 -3.88
C ALA A 202 -10.23 -8.11 -2.89
N GLU A 203 -9.75 -7.25 -1.99
CA GLU A 203 -10.62 -6.64 -0.99
C GLU A 203 -11.68 -5.74 -1.62
N MET A 204 -11.31 -4.93 -2.62
CA MET A 204 -12.34 -4.10 -3.26
C MET A 204 -13.42 -5.00 -3.89
N VAL A 205 -12.99 -6.13 -4.43
CA VAL A 205 -13.92 -7.03 -5.11
C VAL A 205 -14.86 -7.75 -4.18
N THR A 206 -14.30 -8.37 -3.14
CA THR A 206 -15.11 -9.14 -2.20
C THR A 206 -15.70 -8.36 -1.03
N ARG A 207 -15.13 -7.18 -0.77
CA ARG A 207 -15.56 -6.35 0.35
C ARG A 207 -15.16 -6.93 1.71
N ARG A 208 -14.10 -7.73 1.70
CA ARG A 208 -13.58 -8.31 2.91
C ARG A 208 -12.07 -8.46 2.67
N ALA A 209 -11.26 -8.18 3.69
CA ALA A 209 -9.83 -8.31 3.55
C ALA A 209 -9.53 -9.73 3.09
N LEU A 210 -8.51 -9.89 2.25
CA LEU A 210 -8.21 -11.23 1.77
C LEU A 210 -7.51 -12.10 2.83
N PHE A 211 -6.54 -11.51 3.52
CA PHE A 211 -5.73 -12.20 4.54
C PHE A 211 -5.65 -11.35 5.81
N PRO A 212 -6.72 -11.34 6.61
CA PRO A 212 -6.69 -10.55 7.84
C PRO A 212 -5.99 -11.23 9.01
N GLY A 213 -4.68 -11.40 8.90
CA GLY A 213 -3.92 -12.03 9.97
C GLY A 213 -3.85 -11.18 11.23
N ASP A 214 -3.83 -11.84 12.40
CA ASP A 214 -3.75 -11.11 13.67
C ASP A 214 -2.37 -11.23 14.32
N SER A 215 -1.44 -11.86 13.61
CA SER A 215 -0.05 -12.02 14.05
C SER A 215 0.75 -12.37 12.81
N GLU A 216 2.08 -12.35 12.89
CA GLU A 216 2.87 -12.66 11.71
C GLU A 216 2.69 -14.09 11.21
N ILE A 217 2.62 -15.04 12.15
CA ILE A 217 2.42 -16.44 11.79
C ILE A 217 0.99 -16.69 11.31
N ASP A 218 0.02 -16.04 11.94
CA ASP A 218 -1.36 -16.21 11.51
C ASP A 218 -1.51 -15.64 10.08
N GLN A 219 -0.76 -14.58 9.78
CA GLN A 219 -0.81 -13.94 8.46
C GLN A 219 -0.25 -14.93 7.45
N LEU A 220 0.88 -15.52 7.80
CA LEU A 220 1.52 -16.46 6.91
C LEU A 220 0.61 -17.67 6.66
N PHE A 221 0.04 -18.22 7.73
CA PHE A 221 -0.80 -19.40 7.58
C PHE A 221 -2.12 -19.08 6.84
N ARG A 222 -2.65 -17.87 6.98
CA ARG A 222 -3.85 -17.54 6.22
C ARG A 222 -3.48 -17.57 4.71
N ILE A 223 -2.30 -17.07 4.36
CA ILE A 223 -1.86 -17.09 2.98
C ILE A 223 -1.68 -18.55 2.54
N PHE A 224 -1.02 -19.36 3.38
CA PHE A 224 -0.79 -20.76 3.05
C PHE A 224 -2.09 -21.51 2.85
N ARG A 225 -3.08 -21.24 3.71
CA ARG A 225 -4.37 -21.93 3.61
C ARG A 225 -5.14 -21.67 2.32
N THR A 226 -4.92 -20.49 1.74
CA THR A 226 -5.62 -20.12 0.52
C THR A 226 -4.83 -20.44 -0.73
N LEU A 227 -3.55 -20.08 -0.77
CA LEU A 227 -2.75 -20.33 -1.96
C LEU A 227 -1.93 -21.61 -1.92
N GLY A 228 -2.01 -22.34 -0.80
CA GLY A 228 -1.26 -23.57 -0.62
C GLY A 228 0.06 -23.29 0.05
N THR A 229 0.56 -24.22 0.85
CA THR A 229 1.85 -24.02 1.50
C THR A 229 2.88 -24.07 0.35
N PRO A 230 3.75 -23.05 0.25
CA PRO A 230 4.73 -23.09 -0.84
C PRO A 230 5.80 -24.16 -0.65
N ASP A 231 6.31 -24.67 -1.77
CA ASP A 231 7.37 -25.68 -1.75
C ASP A 231 8.38 -25.28 -2.81
N GLU A 232 9.45 -26.09 -2.94
CA GLU A 232 10.51 -25.84 -3.90
C GLU A 232 10.06 -25.87 -5.36
N VAL A 233 8.95 -26.51 -5.64
CA VAL A 233 8.45 -26.56 -7.01
C VAL A 233 7.95 -25.17 -7.43
N VAL A 234 7.02 -24.61 -6.64
CA VAL A 234 6.45 -23.31 -6.98
C VAL A 234 7.31 -22.10 -6.58
N TRP A 235 8.16 -22.27 -5.56
CA TRP A 235 9.00 -21.16 -5.10
C TRP A 235 10.42 -21.68 -4.78
N PRO A 236 11.28 -21.79 -5.82
CA PRO A 236 12.65 -22.26 -5.59
C PRO A 236 13.33 -21.43 -4.54
N GLY A 237 13.92 -22.10 -3.55
CA GLY A 237 14.61 -21.40 -2.48
C GLY A 237 13.78 -21.12 -1.25
N VAL A 238 12.45 -21.26 -1.35
CA VAL A 238 11.63 -20.97 -0.18
C VAL A 238 12.01 -21.75 1.10
N THR A 239 12.39 -23.02 0.98
CA THR A 239 12.71 -23.81 2.18
C THR A 239 14.01 -23.42 2.83
N SER A 240 14.73 -22.47 2.24
CA SER A 240 15.97 -22.01 2.84
C SER A 240 15.82 -20.57 3.35
N MET A 241 14.60 -20.05 3.33
CA MET A 241 14.36 -18.68 3.81
C MET A 241 14.63 -18.66 5.32
N PRO A 242 15.10 -17.53 5.84
CA PRO A 242 15.43 -17.36 7.26
C PRO A 242 14.40 -17.89 8.25
N ASP A 243 13.12 -17.58 8.03
CA ASP A 243 12.10 -18.01 8.98
C ASP A 243 11.28 -19.22 8.56
N TYR A 244 11.70 -19.89 7.50
CA TYR A 244 10.96 -21.07 7.06
C TYR A 244 11.18 -22.19 8.05
N LYS A 245 10.13 -22.98 8.30
CA LYS A 245 10.25 -24.11 9.21
C LYS A 245 9.70 -25.36 8.52
N PRO A 246 10.49 -26.44 8.50
CA PRO A 246 9.97 -27.65 7.85
C PRO A 246 8.67 -28.07 8.52
N SER A 247 8.44 -27.58 9.74
CA SER A 247 7.22 -27.92 10.47
C SER A 247 5.94 -27.20 10.03
N PHE A 248 6.05 -26.26 9.09
CA PHE A 248 4.85 -25.55 8.62
C PHE A 248 3.84 -26.59 8.10
N PRO A 249 2.56 -26.45 8.45
CA PRO A 249 1.61 -27.45 7.92
C PRO A 249 1.55 -27.30 6.41
N LYS A 250 1.25 -28.41 5.72
CA LYS A 250 1.16 -28.39 4.27
C LYS A 250 -0.30 -28.34 3.85
N TRP A 251 -0.75 -27.15 3.47
CA TRP A 251 -2.11 -26.97 3.01
C TRP A 251 -2.14 -26.99 1.48
N ALA A 252 -3.19 -27.58 0.92
CA ALA A 252 -3.34 -27.61 -0.53
C ALA A 252 -3.91 -26.26 -0.96
N ARG A 253 -3.54 -25.84 -2.16
CA ARG A 253 -4.04 -24.57 -2.70
C ARG A 253 -5.53 -24.67 -3.03
N GLN A 254 -6.24 -23.57 -2.81
CA GLN A 254 -7.67 -23.51 -3.11
C GLN A 254 -7.85 -23.00 -4.54
N ASP A 255 -9.06 -23.12 -5.08
CA ASP A 255 -9.38 -22.64 -6.43
C ASP A 255 -9.60 -21.13 -6.38
N PHE A 256 -9.01 -20.40 -7.33
CA PHE A 256 -9.19 -18.95 -7.32
C PHE A 256 -10.65 -18.55 -7.46
N SER A 257 -11.43 -19.37 -8.14
CA SER A 257 -12.84 -19.05 -8.32
C SER A 257 -13.51 -18.96 -6.95
N LYS A 258 -12.91 -19.60 -5.96
CA LYS A 258 -13.45 -19.58 -4.62
C LYS A 258 -12.82 -18.40 -3.85
N VAL A 259 -11.72 -17.88 -4.37
CA VAL A 259 -11.02 -16.78 -3.70
C VAL A 259 -11.71 -15.41 -3.86
N VAL A 260 -11.96 -14.99 -5.09
CA VAL A 260 -12.58 -13.69 -5.29
C VAL A 260 -13.87 -13.68 -6.09
N PRO A 261 -14.83 -14.53 -5.74
CA PRO A 261 -16.09 -14.53 -6.50
C PRO A 261 -16.76 -13.17 -6.31
N PRO A 262 -17.44 -12.67 -7.34
CA PRO A 262 -17.64 -13.29 -8.66
C PRO A 262 -16.78 -12.62 -9.74
N LEU A 263 -15.52 -12.30 -9.42
CA LEU A 263 -14.66 -11.66 -10.41
C LEU A 263 -14.53 -12.53 -11.66
N ASP A 264 -14.54 -11.90 -12.84
CA ASP A 264 -14.41 -12.65 -14.09
C ASP A 264 -12.99 -13.20 -14.27
N GLU A 265 -12.82 -14.11 -15.25
CA GLU A 265 -11.52 -14.73 -15.50
C GLU A 265 -10.36 -13.78 -15.83
N ASP A 266 -10.64 -12.63 -16.46
CA ASP A 266 -9.56 -11.66 -16.74
C ASP A 266 -9.02 -11.16 -15.39
N GLY A 267 -9.95 -10.79 -14.52
CA GLY A 267 -9.57 -10.30 -13.20
C GLY A 267 -8.92 -11.37 -12.35
N ARG A 268 -9.46 -12.58 -12.35
CA ARG A 268 -8.87 -13.67 -11.56
C ARG A 268 -7.46 -13.96 -12.06
N SER A 269 -7.27 -13.92 -13.38
CA SER A 269 -5.96 -14.17 -13.99
C SER A 269 -4.94 -13.14 -13.51
N LEU A 270 -5.30 -11.86 -13.58
CA LEU A 270 -4.38 -10.81 -13.15
C LEU A 270 -4.05 -10.97 -11.68
N LEU A 271 -5.07 -11.18 -10.84
CA LEU A 271 -4.80 -11.33 -9.41
C LEU A 271 -3.83 -12.48 -9.13
N SER A 272 -4.02 -13.60 -9.84
CA SER A 272 -3.16 -14.78 -9.64
C SER A 272 -1.68 -14.45 -9.92
N GLN A 273 -1.43 -13.64 -10.96
CA GLN A 273 -0.07 -13.25 -11.29
C GLN A 273 0.49 -12.24 -10.29
N MET A 274 -0.41 -11.51 -9.64
CA MET A 274 -0.01 -10.53 -8.63
C MET A 274 0.26 -11.26 -7.31
N LEU A 275 -0.32 -12.46 -7.15
CA LEU A 275 -0.13 -13.22 -5.92
C LEU A 275 0.80 -14.45 -6.03
N HIS A 276 1.64 -14.49 -7.06
CA HIS A 276 2.60 -15.57 -7.21
C HIS A 276 3.49 -15.54 -5.97
N TYR A 277 3.81 -16.72 -5.44
CA TYR A 277 4.67 -16.82 -4.27
C TYR A 277 6.08 -16.31 -4.58
N ASP A 278 6.64 -16.79 -5.70
CA ASP A 278 7.99 -16.40 -6.07
C ASP A 278 7.98 -14.93 -6.48
N PRO A 279 8.69 -14.09 -5.71
CA PRO A 279 8.77 -12.64 -6.00
C PRO A 279 9.27 -12.44 -7.42
N ASN A 280 10.12 -13.35 -7.86
CA ASN A 280 10.68 -13.29 -9.21
C ASN A 280 9.68 -13.63 -10.30
N LYS A 281 8.63 -14.37 -9.95
CA LYS A 281 7.62 -14.75 -10.95
C LYS A 281 6.44 -13.77 -10.93
N ARG A 282 6.27 -13.10 -9.79
CA ARG A 282 5.18 -12.15 -9.59
C ARG A 282 5.23 -11.08 -10.71
N ILE A 283 4.06 -10.77 -11.26
CA ILE A 283 3.96 -9.78 -12.35
C ILE A 283 4.43 -8.39 -11.91
N SER A 284 5.09 -7.63 -12.80
CA SER A 284 5.58 -6.27 -12.47
C SER A 284 4.43 -5.30 -12.74
N ALA A 285 4.50 -4.08 -12.19
CA ALA A 285 3.43 -3.10 -12.40
C ALA A 285 3.30 -2.83 -13.89
N LYS A 286 4.43 -2.73 -14.58
CA LYS A 286 4.45 -2.46 -16.02
C LYS A 286 3.72 -3.54 -16.83
N ALA A 287 4.04 -4.80 -16.60
CA ALA A 287 3.38 -5.87 -17.32
C ALA A 287 1.89 -5.97 -16.95
N ALA A 288 1.58 -5.70 -15.69
CA ALA A 288 0.19 -5.78 -15.25
C ALA A 288 -0.71 -4.77 -15.99
N LEU A 289 -0.16 -3.61 -16.35
CA LEU A 289 -0.95 -2.59 -17.04
C LEU A 289 -1.37 -3.05 -18.44
N ALA A 290 -0.63 -4.00 -18.98
CA ALA A 290 -0.91 -4.54 -20.29
C ALA A 290 -1.79 -5.80 -20.24
N HIS A 291 -2.24 -6.18 -19.06
CA HIS A 291 -3.11 -7.37 -18.93
C HIS A 291 -4.46 -7.08 -19.60
N PRO A 292 -5.07 -8.08 -20.26
CA PRO A 292 -6.36 -7.98 -20.95
C PRO A 292 -7.47 -7.41 -20.06
N PHE A 293 -7.34 -7.60 -18.75
CA PHE A 293 -8.32 -7.09 -17.80
C PHE A 293 -8.56 -5.58 -17.96
N PHE A 294 -7.54 -4.84 -18.37
CA PHE A 294 -7.64 -3.39 -18.54
C PHE A 294 -8.02 -2.95 -19.95
N GLN A 295 -8.37 -3.91 -20.80
CA GLN A 295 -8.74 -3.58 -22.18
C GLN A 295 -9.90 -2.60 -22.27
N ASP A 296 -10.88 -2.73 -21.36
CA ASP A 296 -12.01 -1.80 -21.40
C ASP A 296 -11.99 -0.78 -20.24
N VAL A 297 -10.80 -0.48 -19.72
CA VAL A 297 -10.74 0.43 -18.60
C VAL A 297 -11.22 1.85 -18.95
N THR A 298 -11.87 2.48 -17.97
CA THR A 298 -12.40 3.82 -18.12
C THR A 298 -12.12 4.55 -16.81
N LYS A 299 -12.58 5.79 -16.70
CA LYS A 299 -12.38 6.56 -15.49
C LYS A 299 -13.69 7.15 -14.97
N PRO A 300 -14.46 6.33 -14.22
CA PRO A 300 -15.74 6.78 -13.67
C PRO A 300 -15.43 7.71 -12.50
N VAL A 301 -16.42 8.48 -12.08
CA VAL A 301 -16.24 9.38 -10.94
C VAL A 301 -16.92 8.74 -9.73
N PRO A 302 -16.29 8.77 -8.57
CA PRO A 302 -16.99 8.16 -7.44
C PRO A 302 -17.97 9.17 -6.85
N HIS A 303 -18.95 8.67 -6.12
CA HIS A 303 -19.88 9.56 -5.45
C HIS A 303 -19.35 9.67 -4.03
N LEU A 304 -18.70 10.79 -3.71
CA LEU A 304 -18.14 10.98 -2.38
C LEU A 304 -18.96 11.96 -1.59
N ARG A 305 -19.14 11.62 -0.33
CA ARG A 305 -19.87 12.45 0.61
C ARG A 305 -18.79 12.97 1.55
N LEU A 306 -18.37 14.21 1.34
CA LEU A 306 -17.34 14.84 2.15
C LEU A 306 -17.96 15.60 3.32
C1 EDO B . -6.33 -18.48 -13.19
O1 EDO B . -6.37 -17.53 -14.27
C2 EDO B . -7.39 -18.12 -12.16
O2 EDO B . -8.69 -18.50 -12.65
#